data_8V2S
#
_entry.id   8V2S
#
_cell.length_a   1.00
_cell.length_b   1.00
_cell.length_c   1.00
_cell.angle_alpha   90.00
_cell.angle_beta   90.00
_cell.angle_gamma   90.00
#
_symmetry.space_group_name_H-M   'P 1'
#
loop_
_entity.id
_entity.type
_entity.pdbx_description
1 polymer 'Charged multivesicular body protein 1b'
2 polymer 'IST1 homolog'
#
loop_
_entity_poly.entity_id
_entity_poly.type
_entity_poly.pdbx_seq_one_letter_code
_entity_poly.pdbx_strand_id
1 'polypeptide(L)'
;MSNMEKHLFNLKFAAKELSRSAKKCDKEEKAEKAKIKKAIQKGNMEVARIHAENAIRQKNQAVNFLRMSARVDAVAARVQ
TAVTMGKVTKSMAGVVKSMDATLKTMNLEKISALMDKFEHQFETLDVQTQQMEDTVSSTTTLTTPQNQVDMLLQEMADEA
GLDLNMELPQGQTGSVGTSVASAEQDELSQRLARLRDQV
;
A
2 'polypeptide(L)'
;MLGSGFKAERLRVNLRLVINRLKLLEKKKTELAQKARKEIADYLAAGKDERARIRVEHIIREDYLVEAMEILELYCDLLL
ARFGLIQSMKELDSGLAESVSTLIWAAPRLQSEVAELKIVADQLCAKYSKEYGKLCRTNQIGTVNDRLMHKLSVEAPPKI
LVERYLIEIAKNYNVPYEPDSVVMAEAPPGVETDLIDVGFTDDVKKGGPGRGGSGGFTAPVGGPDGTVPMPMPMPMPSAN
TPFSYPLPKGPSDFNGLPMGTYQAFPNIHPPQIPATPPSYESVDDINADKNISSAQIVGPGPKPEASAKLPSRPADNYDN
FVLPELPSVPDTLPTASAGASTSASEDIDFDDLSRRFEELKKKT
;
B
#
# COMPACT_ATOMS: atom_id res chain seq x y z
N MET A 1 17.21 -4.94 -42.38
CA MET A 1 16.73 -3.94 -43.37
C MET A 1 15.38 -4.41 -43.90
N SER A 2 14.32 -3.87 -43.30
CA SER A 2 12.96 -4.02 -43.76
C SER A 2 12.79 -3.56 -45.21
N ASN A 3 11.66 -3.91 -45.80
CA ASN A 3 11.31 -3.44 -47.13
C ASN A 3 11.16 -1.92 -47.17
N MET A 4 10.49 -1.33 -46.18
CA MET A 4 10.32 0.12 -46.15
C MET A 4 11.62 0.81 -45.75
N GLU A 5 12.47 0.13 -44.98
CA GLU A 5 13.74 0.71 -44.65
C GLU A 5 14.61 0.77 -45.90
N LYS A 6 14.61 -0.29 -46.70
CA LYS A 6 15.30 -0.29 -47.98
C LYS A 6 14.80 0.87 -48.85
N HIS A 7 13.50 1.07 -48.97
CA HIS A 7 12.97 2.17 -49.78
C HIS A 7 13.40 3.52 -49.23
N LEU A 8 13.36 3.69 -47.91
CA LEU A 8 13.76 4.94 -47.28
C LEU A 8 15.22 5.22 -47.61
N PHE A 9 16.07 4.21 -47.51
CA PHE A 9 17.47 4.37 -47.82
C PHE A 9 17.67 4.86 -49.25
N ASN A 10 17.02 4.21 -50.21
CA ASN A 10 17.07 4.62 -51.61
C ASN A 10 16.56 6.04 -51.83
N LEU A 11 15.55 6.48 -51.11
CA LEU A 11 14.99 7.78 -51.38
C LEU A 11 15.89 8.86 -50.79
N LYS A 12 16.46 8.59 -49.61
CA LYS A 12 17.39 9.52 -49.01
C LYS A 12 18.62 9.69 -49.91
N PHE A 13 19.04 8.60 -50.56
CA PHE A 13 20.18 8.64 -51.45
C PHE A 13 19.84 9.39 -52.74
N ALA A 14 18.71 9.13 -53.37
CA ALA A 14 18.28 9.89 -54.53
C ALA A 14 18.24 11.38 -54.25
N ALA A 15 17.85 11.77 -53.04
CA ALA A 15 17.78 13.18 -52.73
C ALA A 15 19.20 13.76 -52.68
N LYS A 16 20.17 12.99 -52.18
CA LYS A 16 21.54 13.49 -52.10
C LYS A 16 22.17 13.55 -53.48
N GLU A 17 21.90 12.55 -54.30
CA GLU A 17 22.40 12.48 -55.66
C GLU A 17 21.93 13.71 -56.43
N LEU A 18 20.69 14.13 -56.23
CA LEU A 18 20.15 15.29 -56.93
C LEU A 18 20.81 16.55 -56.38
N SER A 19 21.12 16.58 -55.10
CA SER A 19 21.69 17.75 -54.48
C SER A 19 23.12 17.97 -55.00
N ARG A 20 23.85 16.87 -55.18
CA ARG A 20 25.16 16.87 -55.78
C ARG A 20 25.10 17.34 -57.22
N SER A 21 24.12 16.87 -57.98
CA SER A 21 23.95 17.33 -59.34
C SER A 21 23.73 18.85 -59.41
N ALA A 22 23.10 19.44 -58.41
CA ALA A 22 22.83 20.86 -58.46
C ALA A 22 24.12 21.61 -58.13
N LYS A 23 24.98 21.01 -57.30
CA LYS A 23 26.25 21.62 -56.97
C LYS A 23 27.18 21.57 -58.17
N LYS A 24 27.19 20.46 -58.88
CA LYS A 24 28.03 20.34 -60.05
C LYS A 24 27.58 21.34 -61.10
N CYS A 25 26.28 21.57 -61.24
CA CYS A 25 25.79 22.51 -62.22
C CYS A 25 26.17 23.93 -61.85
N ASP A 26 26.21 24.25 -60.57
CA ASP A 26 26.57 25.57 -60.07
C ASP A 26 28.06 25.85 -60.30
N LYS A 27 28.89 24.83 -60.08
CA LYS A 27 30.32 24.88 -60.32
C LYS A 27 30.61 25.09 -61.80
N GLU A 28 29.85 24.45 -62.67
CA GLU A 28 30.07 24.58 -64.12
C GLU A 28 29.46 25.84 -64.70
N GLU A 29 28.46 26.44 -64.07
CA GLU A 29 28.05 27.78 -64.46
C GLU A 29 29.24 28.74 -64.28
N LYS A 30 29.94 28.66 -63.15
CA LYS A 30 31.07 29.52 -62.85
C LYS A 30 32.21 29.29 -63.85
N ALA A 31 32.50 28.01 -64.13
CA ALA A 31 33.56 27.66 -65.07
C ALA A 31 33.24 28.13 -66.49
N GLU A 32 32.00 28.03 -66.95
CA GLU A 32 31.63 28.47 -68.28
C GLU A 32 31.63 29.99 -68.36
N LYS A 33 31.23 30.71 -67.30
CA LYS A 33 31.27 32.16 -67.28
C LYS A 33 32.70 32.66 -67.48
N ALA A 34 33.67 31.98 -66.86
CA ALA A 34 35.07 32.33 -66.99
C ALA A 34 35.53 32.23 -68.45
N LYS A 35 35.04 31.23 -69.19
CA LYS A 35 35.36 31.03 -70.59
C LYS A 35 34.69 32.06 -71.51
N ILE A 36 33.54 32.62 -71.15
CA ILE A 36 32.95 33.68 -71.96
C ILE A 36 33.91 34.88 -71.95
N LYS A 37 34.45 35.26 -70.79
CA LYS A 37 35.34 36.41 -70.68
C LYS A 37 36.57 36.24 -71.60
N LYS A 38 37.23 35.08 -71.50
CA LYS A 38 38.40 34.77 -72.30
C LYS A 38 38.09 34.82 -73.79
N ALA A 39 36.93 34.33 -74.21
CA ALA A 39 36.51 34.34 -75.61
C ALA A 39 36.19 35.76 -76.10
N ILE A 40 35.52 36.58 -75.29
CA ILE A 40 35.22 37.98 -75.64
C ILE A 40 36.54 38.76 -75.84
N GLN A 41 37.52 38.58 -74.96
CA GLN A 41 38.82 39.25 -75.08
C GLN A 41 39.51 38.92 -76.41
N LYS A 42 39.51 37.64 -76.81
CA LYS A 42 40.06 37.19 -78.08
C LYS A 42 39.16 37.48 -79.29
N GLY A 43 37.98 38.07 -79.08
CA GLY A 43 37.06 38.36 -80.18
C GLY A 43 36.46 37.12 -80.86
N ASN A 44 36.49 35.98 -80.16
CA ASN A 44 35.85 34.73 -80.66
C ASN A 44 34.39 34.79 -80.23
N MET A 45 33.54 35.50 -80.98
CA MET A 45 32.15 35.67 -80.57
C MET A 45 31.29 34.40 -80.74
N GLU A 46 31.67 33.49 -81.63
CA GLU A 46 30.99 32.22 -81.80
C GLU A 46 31.26 31.28 -80.63
N VAL A 47 32.51 31.22 -80.15
CA VAL A 47 32.84 30.46 -78.97
C VAL A 47 32.24 31.10 -77.71
N ALA A 48 32.16 32.43 -77.66
CA ALA A 48 31.55 33.12 -76.54
C ALA A 48 30.08 32.72 -76.42
N ARG A 49 29.36 32.62 -77.55
CA ARG A 49 27.95 32.25 -77.52
C ARG A 49 27.77 30.79 -77.11
N ILE A 50 28.65 29.90 -77.49
CA ILE A 50 28.58 28.52 -77.04
C ILE A 50 28.73 28.45 -75.52
N HIS A 51 29.68 29.16 -74.92
CA HIS A 51 29.82 29.16 -73.48
C HIS A 51 28.65 29.87 -72.81
N ALA A 52 28.11 30.94 -73.39
CA ALA A 52 26.98 31.63 -72.81
C ALA A 52 25.78 30.69 -72.71
N GLU A 53 25.53 29.91 -73.76
CA GLU A 53 24.45 28.94 -73.79
C GLU A 53 24.68 27.84 -72.76
N ASN A 54 25.91 27.37 -72.60
CA ASN A 54 26.22 26.39 -71.57
C ASN A 54 25.97 26.99 -70.18
N ALA A 55 26.38 28.23 -69.93
CA ALA A 55 26.27 28.80 -68.61
C ALA A 55 24.80 28.92 -68.24
N ILE A 56 23.96 29.44 -69.14
CA ILE A 56 22.53 29.58 -68.88
C ILE A 56 21.87 28.21 -68.73
N ARG A 57 22.26 27.20 -69.51
CA ARG A 57 21.76 25.86 -69.35
C ARG A 57 22.13 25.30 -67.98
N GLN A 58 23.37 25.41 -67.56
CA GLN A 58 23.81 24.84 -66.29
C GLN A 58 23.09 25.55 -65.14
N LYS A 59 22.86 26.85 -65.24
CA LYS A 59 22.15 27.60 -64.23
C LYS A 59 20.75 27.02 -64.04
N ASN A 60 19.98 26.95 -65.12
CA ASN A 60 18.63 26.47 -65.10
C ASN A 60 18.55 25.00 -64.72
N GLN A 61 19.49 24.18 -65.16
CA GLN A 61 19.50 22.81 -64.71
C GLN A 61 19.65 22.75 -63.19
N ALA A 62 20.42 23.63 -62.58
CA ALA A 62 20.69 23.46 -61.16
C ALA A 62 19.41 23.73 -60.39
N VAL A 63 18.62 24.71 -60.78
CA VAL A 63 17.36 24.98 -60.14
C VAL A 63 16.45 23.76 -60.24
N ASN A 64 16.48 23.02 -61.35
CA ASN A 64 15.66 21.84 -61.45
C ASN A 64 16.19 20.75 -60.52
N PHE A 65 17.47 20.50 -60.50
CA PHE A 65 17.97 19.46 -59.63
C PHE A 65 17.66 19.80 -58.17
N LEU A 66 17.64 21.08 -57.84
CA LEU A 66 17.57 21.49 -56.46
C LEU A 66 16.16 21.26 -56.00
N ARG A 67 15.21 21.66 -56.85
CA ARG A 67 13.79 21.53 -56.57
C ARG A 67 13.39 20.06 -56.50
N MET A 68 13.84 19.21 -57.41
CA MET A 68 13.55 17.80 -57.26
C MET A 68 14.22 17.25 -56.02
N SER A 69 15.36 17.74 -55.60
CA SER A 69 15.92 17.21 -54.37
C SER A 69 14.99 17.53 -53.19
N ALA A 70 14.32 18.67 -53.24
CA ALA A 70 13.49 19.10 -52.15
C ALA A 70 12.29 18.18 -52.06
N ARG A 71 11.84 17.73 -53.22
CA ARG A 71 10.64 16.93 -53.32
C ARG A 71 10.99 15.54 -52.80
N VAL A 72 12.11 15.00 -53.23
CA VAL A 72 12.44 13.66 -52.81
C VAL A 72 12.76 13.68 -51.33
N ASP A 73 13.31 14.75 -50.80
CA ASP A 73 13.54 14.84 -49.38
C ASP A 73 12.21 14.81 -48.61
N ALA A 74 11.22 15.57 -49.08
CA ALA A 74 9.95 15.61 -48.38
C ALA A 74 9.36 14.20 -48.30
N VAL A 75 9.35 13.48 -49.41
CA VAL A 75 8.87 12.12 -49.42
C VAL A 75 9.64 11.31 -48.39
N ALA A 76 10.95 11.40 -48.38
CA ALA A 76 11.74 10.55 -47.50
C ALA A 76 11.45 10.87 -46.04
N ALA A 77 10.96 12.08 -45.77
CA ALA A 77 10.69 12.46 -44.40
C ALA A 77 9.44 11.73 -43.93
N ARG A 78 8.48 11.61 -44.84
CA ARG A 78 7.22 11.01 -44.59
C ARG A 78 7.41 9.50 -44.45
N VAL A 79 8.28 8.92 -45.26
CA VAL A 79 8.53 7.49 -45.16
C VAL A 79 9.25 7.20 -43.86
N GLN A 80 9.94 8.19 -43.28
CA GLN A 80 10.62 7.97 -42.01
C GLN A 80 9.56 7.90 -40.91
N THR A 81 8.49 8.71 -41.03
CA THR A 81 7.39 8.75 -40.04
C THR A 81 6.64 7.45 -40.08
N ALA A 82 6.50 6.85 -41.25
CA ALA A 82 5.88 5.56 -41.42
C ALA A 82 6.81 4.47 -40.88
N VAL A 83 8.10 4.54 -41.09
CA VAL A 83 8.96 3.48 -40.59
C VAL A 83 8.96 3.47 -39.07
N THR A 84 9.06 4.64 -38.44
CA THR A 84 9.14 4.71 -37.00
C THR A 84 7.78 4.41 -36.38
N MET A 85 6.67 4.94 -36.89
CA MET A 85 5.44 4.68 -36.21
C MET A 85 5.02 3.23 -36.40
N GLY A 86 5.46 2.61 -37.47
CA GLY A 86 5.25 1.18 -37.61
C GLY A 86 5.97 0.39 -36.53
N LYS A 87 7.21 0.77 -36.19
CA LYS A 87 7.93 0.12 -35.11
C LYS A 87 7.26 0.35 -33.75
N VAL A 88 6.73 1.53 -33.52
CA VAL A 88 6.14 1.85 -32.25
C VAL A 88 4.84 1.06 -32.15
N THR A 89 4.09 0.97 -33.24
CA THR A 89 2.82 0.29 -33.19
C THR A 89 3.09 -1.19 -32.91
N LYS A 90 4.13 -1.74 -33.50
CA LYS A 90 4.40 -3.13 -33.22
C LYS A 90 4.77 -3.31 -31.76
N SER A 91 5.55 -2.42 -31.18
CA SER A 91 5.97 -2.60 -29.81
C SER A 91 4.80 -2.42 -28.85
N MET A 92 3.90 -1.50 -29.13
CA MET A 92 2.75 -1.33 -28.27
C MET A 92 1.87 -2.57 -28.35
N ALA A 93 1.69 -3.10 -29.55
CA ALA A 93 0.86 -4.27 -29.69
C ALA A 93 1.46 -5.40 -28.88
N GLY A 94 2.78 -5.44 -28.77
CA GLY A 94 3.43 -6.48 -28.00
C GLY A 94 3.29 -6.25 -26.49
N VAL A 95 3.37 -5.02 -26.06
CA VAL A 95 3.17 -4.71 -24.66
C VAL A 95 1.74 -5.06 -24.28
N VAL A 96 0.80 -4.77 -25.16
CA VAL A 96 -0.60 -5.01 -24.86
C VAL A 96 -0.81 -6.50 -24.70
N LYS A 97 -0.13 -7.31 -25.51
CA LYS A 97 -0.43 -8.72 -25.43
C LYS A 97 0.32 -9.36 -24.28
N SER A 98 1.49 -8.88 -23.92
CA SER A 98 2.17 -9.50 -22.80
C SER A 98 1.48 -9.10 -21.49
N MET A 99 0.90 -7.91 -21.41
CA MET A 99 0.24 -7.56 -20.18
C MET A 99 -1.10 -8.27 -20.06
N ASP A 100 -1.68 -8.64 -21.20
CA ASP A 100 -2.95 -9.33 -21.19
C ASP A 100 -2.71 -10.69 -20.57
N ALA A 101 -1.53 -11.25 -20.82
CA ALA A 101 -1.16 -12.54 -20.28
C ALA A 101 -0.97 -12.43 -18.77
N THR A 102 -0.04 -11.56 -18.36
CA THR A 102 0.35 -11.38 -16.95
C THR A 102 -0.81 -10.99 -16.08
N LEU A 103 -1.77 -10.22 -16.59
CA LEU A 103 -2.85 -9.77 -15.75
C LEU A 103 -3.85 -10.90 -15.58
N LYS A 104 -3.70 -11.98 -16.36
CA LYS A 104 -4.56 -13.13 -16.23
C LYS A 104 -3.97 -14.06 -15.19
N THR A 105 -2.72 -14.45 -15.37
CA THR A 105 -2.15 -15.33 -14.39
C THR A 105 -1.92 -14.65 -13.04
N MET A 106 -1.94 -13.32 -12.95
CA MET A 106 -1.93 -12.65 -11.67
C MET A 106 -3.01 -11.59 -11.63
N ASN A 107 -4.27 -11.98 -11.56
CA ASN A 107 -5.32 -10.99 -11.57
C ASN A 107 -5.41 -10.29 -10.21
N LEU A 108 -6.31 -9.32 -10.11
CA LEU A 108 -6.40 -8.48 -8.93
C LEU A 108 -6.86 -9.25 -7.71
N GLU A 109 -7.72 -10.23 -7.90
CA GLU A 109 -8.21 -11.01 -6.80
C GLU A 109 -7.08 -11.88 -6.25
N LYS A 110 -6.21 -12.34 -7.13
CA LYS A 110 -5.12 -13.17 -6.66
C LYS A 110 -4.04 -12.34 -5.96
N ILE A 111 -3.84 -11.08 -6.37
CA ILE A 111 -2.91 -10.14 -5.75
C ILE A 111 -3.50 -9.81 -4.39
N SER A 112 -4.80 -9.56 -4.34
CA SER A 112 -5.47 -9.28 -3.09
C SER A 112 -5.08 -10.33 -2.07
N ALA A 113 -5.12 -11.59 -2.50
CA ALA A 113 -4.90 -12.71 -1.62
C ALA A 113 -3.45 -12.76 -1.22
N LEU A 114 -2.56 -12.70 -2.19
CA LEU A 114 -1.12 -12.72 -1.92
C LEU A 114 -0.70 -11.62 -0.96
N MET A 115 -1.30 -10.45 -1.05
CA MET A 115 -0.91 -9.32 -0.23
C MET A 115 -1.39 -9.56 1.19
N ASP A 116 -2.62 -10.03 1.31
CA ASP A 116 -3.19 -10.34 2.60
C ASP A 116 -2.32 -11.34 3.33
N LYS A 117 -1.86 -12.35 2.60
CA LYS A 117 -1.08 -13.42 3.16
C LYS A 117 0.27 -12.87 3.61
N PHE A 118 0.95 -12.11 2.76
CA PHE A 118 2.21 -11.44 3.08
C PHE A 118 2.11 -10.68 4.39
N GLU A 119 1.05 -9.91 4.52
CA GLU A 119 0.83 -9.13 5.72
C GLU A 119 0.70 -10.06 6.92
N HIS A 120 -0.11 -11.11 6.80
CA HIS A 120 -0.45 -11.92 7.95
C HIS A 120 0.77 -12.75 8.34
N GLN A 121 1.54 -13.19 7.37
CA GLN A 121 2.73 -13.95 7.70
C GLN A 121 3.76 -13.14 8.46
N PHE A 122 3.90 -11.83 8.20
CA PHE A 122 4.91 -11.05 8.89
C PHE A 122 4.39 -10.70 10.27
N GLU A 123 3.10 -10.79 10.47
CA GLU A 123 2.58 -10.69 11.83
C GLU A 123 3.03 -11.90 12.62
N THR A 124 3.05 -13.10 12.01
CA THR A 124 3.43 -14.26 12.79
C THR A 124 4.94 -14.17 13.05
N LEU A 125 5.72 -13.64 12.13
CA LEU A 125 7.13 -13.51 12.39
C LEU A 125 7.42 -12.52 13.51
N ASP A 126 6.61 -11.48 13.65
CA ASP A 126 6.76 -10.55 14.75
C ASP A 126 6.42 -11.22 16.07
N VAL A 127 5.45 -12.12 16.06
CA VAL A 127 5.07 -12.83 17.26
C VAL A 127 6.22 -13.72 17.64
N GLN A 128 6.85 -14.32 16.64
CA GLN A 128 7.95 -15.23 16.84
C GLN A 128 9.17 -14.52 17.40
N THR A 129 9.53 -13.33 16.93
CA THR A 129 10.74 -12.70 17.40
C THR A 129 10.52 -12.17 18.82
N GLN A 130 9.29 -11.85 19.18
CA GLN A 130 9.04 -11.36 20.51
C GLN A 130 9.31 -12.46 21.52
N GLN A 131 8.93 -13.68 21.16
CA GLN A 131 9.03 -14.75 22.13
C GLN A 131 10.45 -15.32 22.14
N MET A 132 11.21 -15.11 21.08
CA MET A 132 12.63 -15.43 21.14
C MET A 132 13.33 -14.43 22.05
N GLU A 133 13.01 -13.15 21.90
CA GLU A 133 13.66 -12.11 22.68
C GLU A 133 13.29 -12.25 24.15
N ASP A 134 12.04 -12.58 24.46
CA ASP A 134 11.60 -12.79 25.82
C ASP A 134 12.37 -13.94 26.49
N THR A 135 12.67 -14.98 25.73
CA THR A 135 13.36 -16.15 26.23
C THR A 135 14.82 -15.82 26.54
N VAL A 136 15.51 -15.10 25.65
CA VAL A 136 16.88 -14.69 25.89
C VAL A 136 16.92 -13.77 27.10
N SER A 137 15.91 -12.92 27.22
CA SER A 137 15.84 -11.97 28.31
C SER A 137 15.83 -12.69 29.66
N SER A 138 15.06 -13.78 29.78
CA SER A 138 14.94 -14.48 31.05
C SER A 138 16.14 -15.40 31.25
N THR A 139 16.64 -15.99 30.17
CA THR A 139 17.81 -16.84 30.27
C THR A 139 18.97 -16.07 30.88
N THR A 140 19.19 -14.83 30.41
CA THR A 140 20.29 -14.02 30.87
C THR A 140 19.84 -13.00 31.93
N THR A 141 18.85 -13.34 32.76
CA THR A 141 18.29 -12.36 33.67
C THR A 141 19.24 -11.94 34.79
N LEU A 142 20.15 -12.82 35.24
CA LEU A 142 20.98 -12.50 36.40
C LEU A 142 22.21 -11.69 35.95
N THR A 143 22.49 -11.71 34.66
CA THR A 143 23.56 -10.88 34.08
C THR A 143 23.06 -9.45 33.86
N THR A 144 21.75 -9.16 33.85
CA THR A 144 21.29 -7.78 33.77
C THR A 144 20.25 -7.52 34.84
N PRO A 145 20.62 -7.30 36.12
CA PRO A 145 19.63 -6.91 37.12
C PRO A 145 19.01 -5.57 36.79
N GLN A 146 17.70 -5.46 37.05
CA GLN A 146 16.95 -4.25 36.79
C GLN A 146 17.58 -3.06 37.50
N ASN A 147 17.86 -3.21 38.80
CA ASN A 147 18.31 -2.11 39.63
C ASN A 147 19.65 -1.55 39.14
N GLN A 148 20.50 -2.40 38.57
CA GLN A 148 21.80 -1.95 38.11
C GLN A 148 21.67 -1.13 36.83
N VAL A 149 20.70 -1.49 35.98
CA VAL A 149 20.47 -0.79 34.72
C VAL A 149 19.89 0.58 35.01
N ASP A 150 18.93 0.64 35.94
CA ASP A 150 18.31 1.87 36.38
C ASP A 150 19.33 2.84 36.96
N MET A 151 20.24 2.35 37.81
CA MET A 151 21.26 3.21 38.41
C MET A 151 22.26 3.73 37.36
N LEU A 152 22.65 2.91 36.39
CA LEU A 152 23.55 3.37 35.33
C LEU A 152 22.86 4.43 34.47
N LEU A 153 21.57 4.27 34.16
CA LEU A 153 20.81 5.28 33.44
C LEU A 153 20.72 6.57 34.24
N GLN A 154 20.47 6.48 35.55
CA GLN A 154 20.39 7.68 36.39
C GLN A 154 21.74 8.41 36.41
N GLU A 155 22.85 7.69 36.59
CA GLU A 155 24.19 8.25 36.57
C GLU A 155 24.46 8.97 35.24
N MET A 156 24.13 8.35 34.10
CA MET A 156 24.37 8.94 32.80
C MET A 156 23.48 10.15 32.55
N ALA A 157 22.25 10.14 33.06
CA ALA A 157 21.33 11.27 32.97
C ALA A 157 21.82 12.45 33.81
N ASP A 158 22.29 12.17 35.03
CA ASP A 158 22.80 13.22 35.95
C ASP A 158 24.02 13.91 35.32
N GLU A 159 24.93 13.12 34.73
CA GLU A 159 26.12 13.67 34.08
C GLU A 159 25.77 14.50 32.83
N ALA A 160 24.66 14.16 32.16
CA ALA A 160 24.18 14.91 31.00
C ALA A 160 23.35 16.14 31.37
N GLY A 161 22.99 16.28 32.65
CA GLY A 161 22.12 17.35 33.13
C GLY A 161 20.63 17.13 32.80
N LEU A 162 20.27 15.90 32.41
CA LEU A 162 18.88 15.57 32.06
C LEU A 162 18.05 15.38 33.33
N ASP A 163 16.99 16.18 33.47
CA ASP A 163 16.11 16.17 34.64
C ASP A 163 15.05 15.07 34.48
N LEU A 164 15.43 13.81 34.79
CA LEU A 164 14.55 12.65 34.69
C LEU A 164 14.93 11.61 35.76
N ASN A 165 13.95 10.83 36.24
CA ASN A 165 14.18 9.75 37.20
C ASN A 165 13.94 8.40 36.51
N MET A 166 14.96 7.52 36.54
CA MET A 166 15.03 6.35 35.66
C MET A 166 14.48 5.06 36.30
N GLU A 167 14.28 5.03 37.63
CA GLU A 167 13.73 3.88 38.33
C GLU A 167 12.20 3.80 38.18
N LEU A 168 11.52 4.97 38.11
CA LEU A 168 10.07 5.04 37.95
C LEU A 168 9.64 4.71 36.51
N PRO A 169 8.38 4.26 36.29
CA PRO A 169 7.84 4.14 34.94
C PRO A 169 7.61 5.51 34.29
N GLN A 170 7.85 5.58 32.98
CA GLN A 170 7.76 6.82 32.20
C GLN A 170 6.95 6.57 30.90
N ASP A 186 -3.48 9.93 22.59
CA ASP A 186 -3.48 11.40 22.81
C ASP A 186 -4.83 11.82 23.39
N GLU A 187 -5.07 13.14 23.46
CA GLU A 187 -6.33 13.67 23.98
C GLU A 187 -7.50 13.20 23.12
N LEU A 188 -7.32 13.17 21.78
CA LEU A 188 -8.37 12.75 20.86
C LEU A 188 -8.80 11.32 21.17
N SER A 189 -7.83 10.43 21.41
CA SER A 189 -8.10 9.04 21.72
C SER A 189 -8.89 8.92 23.03
N GLN A 190 -8.54 9.75 24.02
CA GLN A 190 -9.21 9.75 25.31
C GLN A 190 -10.63 10.31 25.19
N ARG A 191 -10.82 11.29 24.30
CA ARG A 191 -12.15 11.85 24.04
C ARG A 191 -13.05 10.79 23.42
N LEU A 192 -12.54 10.09 22.41
CA LEU A 192 -13.29 9.07 21.69
C LEU A 192 -13.58 7.87 22.58
N ALA A 193 -12.64 7.53 23.46
CA ALA A 193 -12.86 6.50 24.47
C ALA A 193 -14.03 6.88 25.36
N ARG A 194 -14.09 8.16 25.79
CA ARG A 194 -15.16 8.63 26.67
C ARG A 194 -16.50 8.61 25.94
N LEU A 195 -16.50 8.88 24.63
CA LEU A 195 -17.71 8.79 23.81
C LEU A 195 -18.22 7.34 23.76
N ARG A 196 -17.28 6.39 23.65
CA ARG A 196 -17.60 4.97 23.59
C ARG A 196 -18.17 4.47 24.92
N ASP A 197 -17.75 5.09 26.04
CA ASP A 197 -18.30 4.80 27.36
C ASP A 197 -19.71 5.39 27.48
N GLN A 198 -19.87 6.64 27.01
CA GLN A 198 -21.05 7.45 27.28
C GLN A 198 -22.27 6.98 26.49
N VAL A 199 -22.05 6.25 25.39
CA VAL A 199 -23.11 5.95 24.44
C VAL A 199 -24.18 5.06 25.12
N SER B 4 -10.68 -37.54 25.17
CA SER B 4 -11.18 -36.14 25.00
C SER B 4 -10.31 -35.35 24.02
N GLY B 5 -9.02 -35.72 23.92
CA GLY B 5 -8.08 -34.99 23.09
C GLY B 5 -7.53 -33.77 23.81
N PHE B 6 -7.86 -33.63 25.11
CA PHE B 6 -7.40 -32.50 25.89
C PHE B 6 -5.95 -32.71 26.28
N LYS B 7 -5.11 -31.71 26.04
CA LYS B 7 -3.73 -31.73 26.48
C LYS B 7 -3.45 -30.43 27.22
N ALA B 8 -3.08 -30.51 28.49
CA ALA B 8 -2.91 -29.30 29.26
C ALA B 8 -1.75 -28.48 28.72
N GLU B 9 -0.74 -29.08 28.10
CA GLU B 9 0.37 -28.26 27.64
C GLU B 9 0.04 -27.59 26.31
N ARG B 10 -0.83 -28.17 25.48
CA ARG B 10 -1.36 -27.47 24.33
C ARG B 10 -2.12 -26.23 24.79
N LEU B 11 -2.96 -26.39 25.81
CA LEU B 11 -3.71 -25.25 26.27
C LEU B 11 -2.77 -24.14 26.71
N ARG B 12 -1.80 -24.47 27.57
CA ARG B 12 -0.92 -23.47 28.14
C ARG B 12 -0.10 -22.76 27.05
N VAL B 13 0.45 -23.49 26.08
CA VAL B 13 1.29 -22.87 25.06
C VAL B 13 0.46 -21.93 24.18
N ASN B 14 -0.77 -22.31 23.83
CA ASN B 14 -1.59 -21.52 22.95
C ASN B 14 -2.18 -20.34 23.69
N LEU B 15 -2.48 -20.43 24.99
CA LEU B 15 -2.90 -19.25 25.73
C LEU B 15 -1.81 -18.18 25.66
N ARG B 16 -0.55 -18.57 25.78
CA ARG B 16 0.56 -17.64 25.79
C ARG B 16 0.67 -17.01 24.40
N LEU B 17 0.47 -17.81 23.34
CA LEU B 17 0.55 -17.31 21.98
C LEU B 17 -0.60 -16.34 21.70
N VAL B 18 -1.79 -16.61 22.19
CA VAL B 18 -2.91 -15.71 22.00
C VAL B 18 -2.58 -14.36 22.65
N ILE B 19 -2.00 -14.38 23.84
CA ILE B 19 -1.68 -13.13 24.53
C ILE B 19 -0.67 -12.33 23.71
N ASN B 20 0.36 -12.98 23.19
CA ASN B 20 1.34 -12.26 22.40
C ASN B 20 0.73 -11.69 21.14
N ARG B 21 -0.13 -12.47 20.47
CA ARG B 21 -0.68 -12.03 19.20
C ARG B 21 -1.62 -10.86 19.46
N LEU B 22 -2.45 -10.92 20.50
CA LEU B 22 -3.40 -9.86 20.78
C LEU B 22 -2.67 -8.56 21.11
N LYS B 23 -1.54 -8.65 21.84
CA LYS B 23 -0.76 -7.48 22.20
C LYS B 23 -0.18 -6.80 20.96
N LEU B 24 0.22 -7.61 19.98
CA LEU B 24 0.83 -7.12 18.76
C LEU B 24 -0.24 -6.51 17.87
N LEU B 25 -1.43 -7.10 17.82
CA LEU B 25 -2.55 -6.58 17.06
C LEU B 25 -3.11 -5.30 17.67
N GLU B 26 -3.25 -5.21 18.99
CA GLU B 26 -3.78 -4.01 19.61
C GLU B 26 -2.94 -2.80 19.21
N LYS B 27 -1.62 -2.95 19.24
CA LYS B 27 -0.72 -1.87 18.90
C LYS B 27 -0.93 -1.46 17.45
N LYS B 28 -0.92 -2.44 16.55
CA LYS B 28 -1.03 -2.19 15.12
C LYS B 28 -2.36 -1.51 14.78
N LYS B 29 -3.47 -2.04 15.28
CA LYS B 29 -4.77 -1.47 14.99
C LYS B 29 -4.89 -0.06 15.57
N THR B 30 -4.23 0.22 16.69
CA THR B 30 -4.30 1.54 17.29
C THR B 30 -3.58 2.54 16.40
N GLU B 31 -2.42 2.15 15.85
CA GLU B 31 -1.66 2.99 14.96
C GLU B 31 -2.45 3.30 13.69
N LEU B 32 -3.09 2.28 13.11
CA LEU B 32 -3.82 2.43 11.86
C LEU B 32 -5.04 3.32 12.09
N ALA B 33 -5.58 3.37 13.30
CA ALA B 33 -6.73 4.19 13.59
C ALA B 33 -6.34 5.66 13.53
N GLN B 34 -5.11 5.98 13.93
CA GLN B 34 -4.63 7.35 13.88
C GLN B 34 -4.58 7.81 12.42
N LYS B 35 -4.05 6.96 11.53
CA LYS B 35 -3.98 7.28 10.12
C LYS B 35 -5.38 7.42 9.51
N ALA B 36 -6.33 6.61 9.95
CA ALA B 36 -7.68 6.64 9.43
C ALA B 36 -8.43 7.88 9.88
N ARG B 37 -8.13 8.38 11.09
CA ARG B 37 -8.77 9.58 11.61
C ARG B 37 -8.39 10.80 10.79
N LYS B 38 -7.18 10.77 10.21
CA LYS B 38 -6.69 11.83 9.34
C LYS B 38 -7.45 11.83 8.02
N GLU B 39 -7.69 10.62 7.47
CA GLU B 39 -8.51 10.47 6.28
C GLU B 39 -9.90 11.06 6.50
N ILE B 40 -10.50 10.88 7.68
CA ILE B 40 -11.81 11.47 7.97
C ILE B 40 -11.72 12.98 7.84
N ALA B 41 -10.65 13.57 8.40
CA ALA B 41 -10.49 15.01 8.42
C ALA B 41 -10.39 15.54 6.99
N ASP B 42 -9.70 14.79 6.12
CA ASP B 42 -9.50 15.16 4.73
C ASP B 42 -10.77 15.01 3.89
N TYR B 43 -11.71 14.15 4.31
CA TYR B 43 -13.01 14.08 3.66
C TYR B 43 -13.86 15.25 4.13
N LEU B 44 -13.77 15.58 5.43
CA LEU B 44 -14.51 16.71 5.98
C LEU B 44 -13.97 18.02 5.43
N ALA B 45 -12.64 18.12 5.27
CA ALA B 45 -12.01 19.34 4.79
C ALA B 45 -12.43 19.64 3.36
N ALA B 46 -12.98 18.63 2.67
CA ALA B 46 -13.42 18.78 1.30
C ALA B 46 -14.88 18.34 1.14
N GLY B 47 -15.67 18.48 2.21
CA GLY B 47 -17.12 18.53 2.13
C GLY B 47 -17.79 17.20 1.82
N LYS B 48 -17.05 16.08 1.94
CA LYS B 48 -17.58 14.76 1.67
C LYS B 48 -18.19 14.17 2.94
N ASP B 49 -19.09 14.92 3.59
CA ASP B 49 -19.55 14.61 4.93
C ASP B 49 -20.33 13.29 4.93
N GLU B 50 -21.08 13.03 3.87
CA GLU B 50 -21.91 11.85 3.76
C GLU B 50 -21.05 10.59 3.62
N ARG B 51 -19.84 10.74 3.07
CA ARG B 51 -18.89 9.64 3.04
C ARG B 51 -18.12 9.55 4.35
N ALA B 52 -17.80 10.69 4.97
CA ALA B 52 -17.12 10.68 6.25
C ALA B 52 -17.93 9.89 7.28
N ARG B 53 -19.26 10.00 7.23
CA ARG B 53 -20.14 9.25 8.11
C ARG B 53 -19.89 7.75 7.99
N ILE B 54 -19.78 7.25 6.76
CA ILE B 54 -19.60 5.82 6.53
C ILE B 54 -18.17 5.42 6.85
N ARG B 55 -17.22 6.30 6.58
CA ARG B 55 -15.82 6.01 6.81
C ARG B 55 -15.52 5.94 8.31
N VAL B 56 -16.32 6.65 9.12
CA VAL B 56 -16.21 6.62 10.58
C VAL B 56 -16.71 5.29 11.13
N GLU B 57 -17.70 4.66 10.49
CA GLU B 57 -18.16 3.37 10.95
C GLU B 57 -17.06 2.30 10.95
N HIS B 58 -16.11 2.38 10.02
CA HIS B 58 -14.96 1.48 10.06
C HIS B 58 -14.11 1.75 11.30
N ILE B 59 -13.94 3.02 11.67
CA ILE B 59 -13.06 3.38 12.78
C ILE B 59 -13.71 2.99 14.09
N ILE B 60 -15.03 3.14 14.21
CA ILE B 60 -15.73 2.77 15.44
C ILE B 60 -15.60 1.25 15.65
N ARG B 61 -15.71 0.44 14.59
CA ARG B 61 -15.51 -0.99 14.73
C ARG B 61 -14.08 -1.32 15.16
N GLU B 62 -13.06 -0.71 14.58
CA GLU B 62 -11.70 -1.08 14.96
C GLU B 62 -11.38 -0.62 16.38
N ASP B 63 -11.94 0.50 16.82
CA ASP B 63 -11.74 0.95 18.19
C ASP B 63 -12.44 0.02 19.17
N TYR B 64 -13.60 -0.51 18.78
CA TYR B 64 -14.27 -1.50 19.61
C TYR B 64 -13.50 -2.81 19.62
N LEU B 65 -12.93 -3.21 18.49
CA LEU B 65 -12.27 -4.50 18.41
C LEU B 65 -11.00 -4.49 19.25
N VAL B 66 -10.32 -3.36 19.36
CA VAL B 66 -9.14 -3.27 20.20
C VAL B 66 -9.56 -3.43 21.66
N GLU B 67 -10.71 -2.87 22.04
CA GLU B 67 -11.21 -3.02 23.39
C GLU B 67 -11.61 -4.46 23.68
N ALA B 68 -12.15 -5.13 22.67
CA ALA B 68 -12.50 -6.54 22.80
C ALA B 68 -11.24 -7.41 22.93
N MET B 69 -10.14 -7.01 22.29
CA MET B 69 -8.92 -7.81 22.33
C MET B 69 -8.28 -7.62 23.71
N GLU B 70 -8.34 -6.40 24.21
CA GLU B 70 -7.87 -6.09 25.54
C GLU B 70 -8.61 -6.89 26.60
N ILE B 71 -9.89 -7.22 26.36
CA ILE B 71 -10.68 -8.01 27.29
C ILE B 71 -10.24 -9.47 27.21
N LEU B 72 -10.07 -10.00 26.01
CA LEU B 72 -9.75 -11.41 25.83
C LEU B 72 -8.33 -11.71 26.28
N GLU B 73 -7.40 -10.76 26.13
CA GLU B 73 -6.03 -10.90 26.59
C GLU B 73 -6.01 -11.03 28.10
N LEU B 74 -6.90 -10.33 28.78
CA LEU B 74 -7.05 -10.44 30.23
C LEU B 74 -7.58 -11.82 30.63
N TYR B 75 -8.55 -12.37 29.88
CA TYR B 75 -9.13 -13.65 30.24
C TYR B 75 -8.14 -14.78 29.98
N CYS B 76 -7.30 -14.64 28.95
CA CYS B 76 -6.25 -15.61 28.74
C CYS B 76 -5.26 -15.57 29.89
N ASP B 77 -4.87 -14.36 30.31
CA ASP B 77 -3.90 -14.17 31.38
C ASP B 77 -4.46 -14.69 32.69
N LEU B 78 -5.77 -14.59 32.87
CA LEU B 78 -6.45 -15.12 34.03
C LEU B 78 -6.39 -16.64 34.04
N LEU B 79 -6.62 -17.30 32.90
CA LEU B 79 -6.57 -18.75 32.88
C LEU B 79 -5.13 -19.19 33.14
N LEU B 80 -4.14 -18.44 32.68
CA LEU B 80 -2.74 -18.81 32.88
C LEU B 80 -2.34 -18.67 34.35
N ALA B 81 -2.87 -17.66 35.05
CA ALA B 81 -2.58 -17.47 36.46
C ALA B 81 -3.23 -18.56 37.30
N ARG B 82 -4.39 -19.06 36.87
CA ARG B 82 -5.15 -20.04 37.62
C ARG B 82 -5.09 -21.39 36.94
N PHE B 83 -3.96 -21.68 36.29
CA PHE B 83 -3.86 -22.88 35.46
C PHE B 83 -3.88 -24.15 36.31
N GLY B 84 -3.45 -24.03 37.57
CA GLY B 84 -3.47 -25.11 38.53
C GLY B 84 -4.89 -25.58 38.85
N LEU B 85 -5.88 -24.68 38.84
CA LEU B 85 -7.26 -25.08 39.05
C LEU B 85 -7.74 -25.88 37.85
N ILE B 86 -7.33 -25.47 36.66
CA ILE B 86 -7.82 -26.12 35.45
C ILE B 86 -7.40 -27.58 35.48
N GLN B 87 -6.12 -27.85 35.81
CA GLN B 87 -5.56 -29.17 35.56
C GLN B 87 -5.52 -29.99 36.86
N SER B 88 -6.20 -29.52 37.92
CA SER B 88 -6.44 -30.33 39.10
C SER B 88 -7.86 -30.91 39.03
N MET B 89 -8.86 -30.03 38.95
CA MET B 89 -10.26 -30.43 39.00
C MET B 89 -10.70 -31.03 37.65
N LYS B 90 -11.81 -31.77 37.67
CA LYS B 90 -12.55 -32.08 36.45
C LYS B 90 -13.74 -31.13 36.32
N GLU B 91 -14.01 -30.39 37.39
CA GLU B 91 -15.08 -29.41 37.45
C GLU B 91 -14.56 -28.09 36.90
N LEU B 92 -15.47 -27.14 36.64
CA LEU B 92 -15.08 -25.82 36.21
C LEU B 92 -15.23 -24.86 37.39
N ASP B 93 -14.11 -24.24 37.79
CA ASP B 93 -14.07 -23.32 38.92
C ASP B 93 -15.09 -22.19 38.69
N SER B 94 -15.61 -21.64 39.78
CA SER B 94 -16.58 -20.55 39.69
C SER B 94 -15.90 -19.27 39.20
N GLY B 95 -14.60 -19.12 39.53
CA GLY B 95 -13.82 -17.96 39.12
C GLY B 95 -13.16 -18.18 37.76
N LEU B 96 -13.56 -19.25 37.06
CA LEU B 96 -13.04 -19.53 35.73
C LEU B 96 -14.14 -19.47 34.67
N ALA B 97 -15.41 -19.53 35.08
CA ALA B 97 -16.50 -19.79 34.14
C ALA B 97 -16.69 -18.63 33.18
N GLU B 98 -16.51 -17.39 33.65
CA GLU B 98 -16.63 -16.24 32.78
C GLU B 98 -15.58 -16.33 31.67
N SER B 99 -14.32 -16.51 32.06
CA SER B 99 -13.21 -16.60 31.13
C SER B 99 -13.37 -17.77 30.17
N VAL B 100 -13.81 -18.93 30.67
CA VAL B 100 -13.84 -20.12 29.84
C VAL B 100 -14.98 -19.98 28.83
N SER B 101 -16.17 -19.56 29.28
CA SER B 101 -17.30 -19.44 28.38
C SER B 101 -17.03 -18.35 27.34
N THR B 102 -16.42 -17.24 27.76
CA THR B 102 -16.23 -16.08 26.88
C THR B 102 -15.22 -16.39 25.77
N LEU B 103 -14.14 -17.10 26.08
CA LEU B 103 -13.17 -17.46 25.06
C LEU B 103 -13.78 -18.45 24.06
N ILE B 104 -14.71 -19.31 24.50
CA ILE B 104 -15.33 -20.27 23.60
C ILE B 104 -16.30 -19.54 22.66
N TRP B 105 -16.99 -18.53 23.18
CA TRP B 105 -17.90 -17.71 22.40
C TRP B 105 -17.16 -16.86 21.37
N ALA B 106 -15.99 -16.32 21.73
CA ALA B 106 -15.30 -15.36 20.88
C ALA B 106 -14.50 -16.05 19.77
N ALA B 107 -14.05 -17.27 20.00
CA ALA B 107 -13.16 -17.92 19.06
C ALA B 107 -13.72 -17.92 17.63
N PRO B 108 -14.99 -18.30 17.36
CA PRO B 108 -15.48 -18.28 15.97
C PRO B 108 -15.51 -16.89 15.34
N ARG B 109 -15.70 -15.84 16.16
CA ARG B 109 -15.69 -14.46 15.68
C ARG B 109 -14.28 -13.98 15.33
N LEU B 110 -13.27 -14.38 16.11
CA LEU B 110 -11.95 -13.77 16.07
C LEU B 110 -10.92 -14.63 15.32
N GLN B 111 -11.31 -15.82 14.84
CA GLN B 111 -10.30 -16.78 14.38
C GLN B 111 -9.82 -16.42 12.98
N SER B 112 -10.38 -15.39 12.37
CA SER B 112 -9.77 -14.76 11.21
C SER B 112 -8.44 -14.11 11.64
N GLU B 113 -8.48 -13.29 12.70
CA GLU B 113 -7.35 -12.52 13.18
C GLU B 113 -6.39 -13.38 14.01
N VAL B 114 -6.95 -14.20 14.92
CA VAL B 114 -6.17 -14.89 15.92
C VAL B 114 -6.40 -16.40 15.78
N ALA B 115 -5.59 -17.06 14.95
CA ALA B 115 -5.75 -18.48 14.69
C ALA B 115 -5.65 -19.35 15.95
N GLU B 116 -4.82 -18.95 16.93
CA GLU B 116 -4.54 -19.79 18.07
C GLU B 116 -5.73 -19.81 19.01
N LEU B 117 -6.61 -18.81 18.90
CA LEU B 117 -7.72 -18.69 19.82
C LEU B 117 -8.71 -19.83 19.57
N LYS B 118 -8.72 -20.35 18.35
CA LYS B 118 -9.51 -21.52 18.02
C LYS B 118 -8.98 -22.77 18.74
N ILE B 119 -7.66 -22.96 18.73
CA ILE B 119 -7.05 -24.05 19.47
C ILE B 119 -7.39 -23.95 20.96
N VAL B 120 -7.25 -22.76 21.53
CA VAL B 120 -7.50 -22.60 22.96
C VAL B 120 -8.90 -23.11 23.32
N ALA B 121 -9.93 -22.88 22.49
CA ALA B 121 -11.30 -23.26 22.85
C ALA B 121 -11.68 -24.66 22.39
N ASP B 122 -10.95 -25.22 21.42
CA ASP B 122 -11.11 -26.62 21.09
C ASP B 122 -10.58 -27.41 22.26
N GLN B 123 -9.62 -26.79 22.95
CA GLN B 123 -9.01 -27.42 24.10
C GLN B 123 -9.92 -27.28 25.30
N LEU B 124 -10.69 -26.19 25.37
CA LEU B 124 -11.51 -25.94 26.53
C LEU B 124 -12.81 -26.73 26.40
N CYS B 125 -13.28 -26.92 25.17
CA CYS B 125 -14.44 -27.77 24.92
C CYS B 125 -14.11 -29.24 25.15
N ALA B 126 -12.83 -29.61 25.01
CA ALA B 126 -12.40 -30.97 25.31
C ALA B 126 -12.40 -31.16 26.81
N LYS B 127 -11.81 -30.22 27.54
CA LYS B 127 -11.68 -30.31 28.98
C LYS B 127 -13.05 -30.31 29.64
N TYR B 128 -13.99 -29.51 29.12
CA TYR B 128 -15.24 -29.28 29.83
C TYR B 128 -16.44 -29.71 28.99
N SER B 129 -16.23 -30.64 28.04
CA SER B 129 -17.29 -31.31 27.29
C SER B 129 -17.77 -30.44 26.11
N LYS B 130 -18.08 -31.10 24.98
CA LYS B 130 -18.54 -30.45 23.75
C LYS B 130 -19.92 -29.83 23.94
N GLU B 131 -20.72 -30.41 24.85
CA GLU B 131 -22.06 -29.96 25.14
C GLU B 131 -22.02 -28.57 25.78
N TYR B 132 -21.17 -28.41 26.79
CA TYR B 132 -20.96 -27.11 27.41
C TYR B 132 -20.40 -26.12 26.39
N GLY B 133 -19.50 -26.60 25.50
CA GLY B 133 -18.92 -25.80 24.44
C GLY B 133 -19.97 -25.23 23.47
N LYS B 134 -21.06 -25.97 23.24
CA LYS B 134 -22.16 -25.49 22.40
C LYS B 134 -22.99 -24.46 23.17
N LEU B 135 -23.25 -24.71 24.46
CA LEU B 135 -24.01 -23.79 25.30
C LEU B 135 -23.29 -22.44 25.44
N CYS B 136 -21.96 -22.46 25.32
CA CYS B 136 -21.17 -21.24 25.39
C CYS B 136 -21.30 -20.44 24.09
N ARG B 137 -21.17 -21.10 22.94
CA ARG B 137 -21.19 -20.43 21.63
C ARG B 137 -22.53 -19.72 21.36
N THR B 138 -23.64 -20.21 21.95
CA THR B 138 -24.96 -19.60 21.81
C THR B 138 -25.25 -18.64 22.96
N ASN B 139 -24.38 -18.64 23.99
CA ASN B 139 -24.61 -18.04 25.30
C ASN B 139 -25.93 -18.51 25.93
N GLN B 140 -26.33 -19.76 25.66
CA GLN B 140 -27.40 -20.40 26.43
C GLN B 140 -26.92 -20.65 27.86
N ILE B 141 -25.59 -20.69 28.05
CA ILE B 141 -24.96 -20.86 29.36
C ILE B 141 -25.08 -19.57 30.20
N GLY B 142 -25.39 -18.43 29.56
CA GLY B 142 -25.73 -17.20 30.25
C GLY B 142 -24.58 -16.58 31.04
N THR B 143 -23.33 -16.92 30.66
CA THR B 143 -22.16 -16.59 31.47
C THR B 143 -21.13 -15.77 30.66
N VAL B 144 -21.30 -15.71 29.33
CA VAL B 144 -20.40 -14.96 28.46
C VAL B 144 -20.49 -13.47 28.79
N ASN B 145 -19.35 -12.78 28.72
CA ASN B 145 -19.22 -11.41 29.17
C ASN B 145 -19.98 -10.45 28.26
N ASP B 146 -20.95 -9.69 28.80
CA ASP B 146 -21.85 -8.87 28.00
C ASP B 146 -21.14 -7.67 27.37
N ARG B 147 -20.08 -7.16 28.02
CA ARG B 147 -19.32 -6.06 27.45
C ARG B 147 -18.57 -6.52 26.20
N LEU B 148 -18.10 -7.76 26.16
CA LEU B 148 -17.33 -8.25 25.03
C LEU B 148 -18.26 -8.48 23.86
N MET B 149 -19.49 -8.93 24.14
CA MET B 149 -20.45 -9.26 23.10
C MET B 149 -20.92 -7.99 22.40
N HIS B 150 -21.08 -6.90 23.16
CA HIS B 150 -21.43 -5.61 22.59
C HIS B 150 -20.30 -5.15 21.67
N LYS B 151 -19.06 -5.32 22.13
CA LYS B 151 -17.91 -4.84 21.39
C LYS B 151 -17.61 -5.73 20.18
N LEU B 152 -18.33 -6.83 20.01
CA LEU B 152 -18.17 -7.64 18.81
C LEU B 152 -19.50 -7.84 18.12
N SER B 153 -20.45 -6.92 18.33
CA SER B 153 -21.73 -6.97 17.64
C SER B 153 -21.52 -6.76 16.14
N VAL B 154 -22.45 -7.28 15.32
CA VAL B 154 -22.39 -7.03 13.89
C VAL B 154 -23.24 -5.81 13.52
N GLU B 155 -24.04 -5.32 14.46
CA GLU B 155 -24.95 -4.22 14.21
C GLU B 155 -24.19 -2.92 13.98
N ALA B 156 -24.88 -1.95 13.36
CA ALA B 156 -24.32 -0.65 13.06
C ALA B 156 -24.21 0.18 14.33
N PRO B 157 -23.21 1.10 14.44
CA PRO B 157 -23.18 2.06 15.55
C PRO B 157 -24.45 2.90 15.61
N PRO B 158 -24.84 3.43 16.80
CA PRO B 158 -25.87 4.46 16.86
C PRO B 158 -25.40 5.68 16.07
N LYS B 159 -26.29 6.27 15.27
CA LYS B 159 -25.89 7.36 14.39
C LYS B 159 -25.48 8.59 15.20
N ILE B 160 -25.95 8.70 16.45
CA ILE B 160 -25.51 9.75 17.35
C ILE B 160 -24.03 9.57 17.70
N LEU B 161 -23.54 8.32 17.74
CA LEU B 161 -22.14 8.07 18.06
C LEU B 161 -21.27 8.44 16.85
N VAL B 162 -21.77 8.14 15.64
CA VAL B 162 -21.08 8.52 14.42
C VAL B 162 -20.92 10.04 14.38
N GLU B 163 -21.99 10.76 14.70
CA GLU B 163 -21.95 12.23 14.72
C GLU B 163 -20.97 12.72 15.78
N ARG B 164 -21.03 12.15 16.99
CA ARG B 164 -20.13 12.57 18.06
C ARG B 164 -18.67 12.32 17.69
N TYR B 165 -18.43 11.22 16.97
CA TYR B 165 -17.06 10.87 16.48
C TYR B 165 -16.60 11.92 15.49
N LEU B 166 -17.48 12.35 14.58
CA LEU B 166 -17.12 13.34 13.57
C LEU B 166 -16.85 14.69 14.23
N ILE B 167 -17.66 15.05 15.23
CA ILE B 167 -17.53 16.34 15.92
C ILE B 167 -16.17 16.43 16.60
N GLU B 168 -15.74 15.34 17.24
CA GLU B 168 -14.48 15.34 17.99
C GLU B 168 -13.29 15.30 17.04
N ILE B 169 -13.40 14.57 15.92
CA ILE B 169 -12.32 14.50 14.95
C ILE B 169 -12.18 15.87 14.28
N ALA B 170 -13.31 16.53 13.99
CA ALA B 170 -13.29 17.85 13.35
C ALA B 170 -12.57 18.88 14.21
N LYS B 171 -12.73 18.83 15.54
CA LYS B 171 -12.08 19.77 16.43
C LYS B 171 -10.56 19.62 16.36
N ASN B 172 -10.07 18.38 16.37
CA ASN B 172 -8.66 18.11 16.56
C ASN B 172 -7.86 18.41 15.29
N TYR B 173 -8.52 18.37 14.12
CA TYR B 173 -7.88 18.70 12.86
C TYR B 173 -8.32 20.08 12.37
N ASN B 174 -9.06 20.82 13.21
CA ASN B 174 -9.46 22.20 12.96
C ASN B 174 -10.19 22.31 11.61
N VAL B 175 -11.13 21.40 11.39
CA VAL B 175 -11.91 21.38 10.17
C VAL B 175 -13.33 21.80 10.55
N PRO B 176 -13.94 22.76 9.83
CA PRO B 176 -15.37 23.05 10.03
C PRO B 176 -16.23 21.81 9.77
N TYR B 177 -17.17 21.55 10.68
CA TYR B 177 -18.15 20.50 10.48
C TYR B 177 -19.48 20.95 11.08
N GLU B 178 -20.57 20.67 10.36
CA GLU B 178 -21.91 20.88 10.88
C GLU B 178 -22.60 19.52 10.98
N PRO B 179 -22.93 19.03 12.20
CA PRO B 179 -23.60 17.73 12.34
C PRO B 179 -25.08 17.78 12.00
N ASP B 180 -25.65 16.61 11.68
CA ASP B 180 -27.04 16.50 11.30
C ASP B 180 -27.93 16.74 12.53
N SER B 181 -28.75 17.81 12.47
CA SER B 181 -29.57 18.24 13.58
C SER B 181 -30.56 17.16 14.00
N VAL B 182 -31.03 16.36 13.03
CA VAL B 182 -31.95 15.26 13.30
C VAL B 182 -31.33 14.33 14.34
N VAL B 183 -30.17 13.76 13.99
CA VAL B 183 -29.48 12.77 14.81
C VAL B 183 -29.03 13.40 16.13
N MET B 184 -28.49 14.63 16.03
CA MET B 184 -28.02 15.36 17.20
C MET B 184 -29.18 15.71 18.12
N ALA B 185 -30.37 15.94 17.55
CA ALA B 185 -31.58 16.20 18.31
C ALA B 185 -31.99 14.94 19.08
N GLU B 186 -31.98 13.79 18.40
CA GLU B 186 -32.13 12.50 19.07
C GLU B 186 -31.23 12.53 20.30
N ALA B 187 -29.95 12.87 20.08
CA ALA B 187 -28.98 13.07 21.15
C ALA B 187 -28.88 11.82 22.04
#